data_6STI
#
_entry.id   6STI
#
_cell.length_a   65.963
_cell.length_b   65.963
_cell.length_c   111.131
_cell.angle_alpha   90.000
_cell.angle_beta   90.000
_cell.angle_gamma   90.000
#
_symmetry.space_group_name_H-M   'P 43 21 2'
#
loop_
_entity.id
_entity.type
_entity.pdbx_description
1 polymer 'Retinoic acid receptor RXR-alpha'
2 polymer 'Nuclear receptor coactivator 2'
3 non-polymer '(2E,4E,6Z)-3-methyl-7-(5,5,8,8-tetramethyl-3-propoxy-5,6,7,8-tetrahydronaphthalen-2-yl)octa-2,4,6-trienoic acid'
4 non-polymer 'ACETATE ION'
5 water water
#
loop_
_entity_poly.entity_id
_entity_poly.type
_entity_poly.pdbx_seq_one_letter_code
_entity_poly.pdbx_strand_id
1 'polypeptide(L)'
;GSHMTSSANEDMPVERILEAELAVEPKTETYVEANMGLNPSSPNDPVTNICQAADKQLFTLVEWAKRIPHFSELPLDDQV
ILLRAGWNELLIASFSHRSIAVKDGILLATGLHVHRNSAHSAGVGAIFDRVLTELVSKMRDMQMDKTELGCLRAIVLFNP
DSKGLSNPAEVEALREKVYASLEAYCKHKYPEQPGRFAKLLLRLPALRSIGLKCLEHLFFFKLIGDTPIDTFLMEMLEAP
HQMT
;
A
2 'polypeptide(L)' KHKILHRLLQDSS B
#
loop_
_chem_comp.id
_chem_comp.type
_chem_comp.name
_chem_comp.formula
754 non-polymer '(2E,4E,6Z)-3-methyl-7-(5,5,8,8-tetramethyl-3-propoxy-5,6,7,8-tetrahydronaphthalen-2-yl)octa-2,4,6-trienoic acid' 'C26 H36 O3'
ACT non-polymer 'ACETATE ION' 'C2 H3 O2 -1'
#
# COMPACT_ATOMS: atom_id res chain seq x y z
N ASP A 11 -11.86 5.98 -18.98
CA ASP A 11 -11.19 4.70 -19.28
C ASP A 11 -10.19 4.38 -18.16
N MET A 12 -9.96 3.10 -17.90
CA MET A 12 -9.05 2.68 -16.84
C MET A 12 -8.42 1.35 -17.24
N PRO A 13 -7.47 1.38 -18.17
CA PRO A 13 -6.95 0.10 -18.71
C PRO A 13 -5.93 -0.54 -17.77
N VAL A 14 -6.09 -1.85 -17.56
CA VAL A 14 -5.21 -2.57 -16.63
C VAL A 14 -3.77 -2.57 -17.11
N GLU A 15 -3.57 -2.34 -18.41
CA GLU A 15 -2.20 -2.26 -18.95
C GLU A 15 -1.46 -1.09 -18.33
N ARG A 16 -2.13 0.04 -18.14
CA ARG A 16 -1.50 1.23 -17.51
C ARG A 16 -1.20 0.91 -16.04
N ILE A 17 -2.10 0.21 -15.39
CA ILE A 17 -1.92 -0.12 -13.94
C ILE A 17 -0.71 -1.06 -13.79
N LEU A 18 -0.62 -2.10 -14.62
CA LEU A 18 0.55 -2.97 -14.57
C LEU A 18 1.84 -2.20 -14.87
N GLU A 19 1.82 -1.32 -15.87
CA GLU A 19 3.00 -0.52 -16.19
C GLU A 19 3.44 0.29 -14.99
N ALA A 20 2.48 0.80 -14.21
CA ALA A 20 2.82 1.57 -13.02
C ALA A 20 3.55 0.69 -12.00
N GLU A 21 3.03 -0.52 -11.76
CA GLU A 21 3.72 -1.47 -10.90
C GLU A 21 5.13 -1.77 -11.40
N LEU A 22 5.26 -2.08 -12.69
CA LEU A 22 6.56 -2.49 -13.21
C LEU A 22 7.55 -1.34 -13.22
N ALA A 23 7.06 -0.11 -13.36
CA ALA A 23 7.94 1.05 -13.35
C ALA A 23 8.60 1.26 -12.00
N VAL A 24 7.87 0.93 -10.92
CA VAL A 24 8.39 1.09 -9.54
C VAL A 24 8.81 -0.29 -9.01
N GLU A 25 9.28 -1.16 -9.91
CA GLU A 25 9.71 -2.54 -9.52
C GLU A 25 11.10 -2.46 -8.88
N ASP A 45 18.23 -3.15 14.96
CA ASP A 45 16.78 -3.09 15.15
C ASP A 45 16.11 -3.21 13.79
N PRO A 46 15.52 -4.36 13.48
CA PRO A 46 14.79 -4.48 12.21
C PRO A 46 13.72 -3.41 12.03
N VAL A 47 13.18 -2.87 13.13
CA VAL A 47 12.16 -1.83 13.00
C VAL A 47 12.76 -0.56 12.41
N THR A 48 14.01 -0.25 12.76
CA THR A 48 14.71 0.86 12.13
C THR A 48 14.90 0.61 10.64
N ASN A 49 15.27 -0.63 10.25
CA ASN A 49 15.37 -0.95 8.83
C ASN A 49 14.03 -0.81 8.13
N ILE A 50 12.95 -1.20 8.81
CA ILE A 50 11.61 -1.07 8.21
C ILE A 50 11.22 0.40 8.07
N CYS A 51 11.53 1.22 9.06
CA CYS A 51 11.23 2.65 8.94
C CYS A 51 12.03 3.27 7.82
N GLN A 52 13.30 2.89 7.66
CA GLN A 52 14.10 3.44 6.58
C GLN A 52 13.52 3.06 5.22
N ALA A 53 13.14 1.79 5.07
CA ALA A 53 12.56 1.34 3.81
C ALA A 53 11.23 2.05 3.53
N ALA A 54 10.38 2.22 4.54
CA ALA A 54 9.09 2.87 4.32
C ALA A 54 9.27 4.30 3.84
N ASP A 55 10.19 5.06 4.47
CA ASP A 55 10.44 6.43 4.02
C ASP A 55 10.90 6.45 2.57
N LYS A 56 11.86 5.58 2.23
CA LYS A 56 12.32 5.48 0.84
C LYS A 56 11.14 5.22 -0.10
N GLN A 57 10.27 4.27 0.28
CA GLN A 57 9.18 3.89 -0.62
C GLN A 57 8.07 4.93 -0.70
N LEU A 58 8.02 5.89 0.23
CA LEU A 58 7.03 6.96 0.11
C LEU A 58 7.31 7.83 -1.11
N PHE A 59 8.58 8.08 -1.41
CA PHE A 59 8.93 8.82 -2.62
C PHE A 59 8.48 8.06 -3.86
N THR A 60 8.76 6.77 -3.90
CA THR A 60 8.36 5.92 -5.01
C THR A 60 6.85 5.80 -5.13
N LEU A 61 6.15 5.81 -3.99
CA LEU A 61 4.69 5.76 -4.01
C LEU A 61 4.08 6.96 -4.75
N VAL A 62 4.66 8.15 -4.57
CA VAL A 62 4.18 9.32 -5.30
C VAL A 62 4.34 9.11 -6.80
N GLU A 63 5.49 8.57 -7.23
CA GLU A 63 5.72 8.34 -8.66
C GLU A 63 4.78 7.26 -9.20
N TRP A 64 4.47 6.24 -8.40
CA TRP A 64 3.51 5.23 -8.81
C TRP A 64 2.13 5.84 -9.01
N ALA A 65 1.65 6.61 -8.03
CA ALA A 65 0.31 7.19 -8.12
C ALA A 65 0.18 8.08 -9.34
N LYS A 66 1.25 8.80 -9.68
CA LYS A 66 1.20 9.70 -10.87
C LYS A 66 0.99 8.87 -12.13
N ARG A 67 1.38 7.61 -12.12
CA ARG A 67 1.22 6.71 -13.29
C ARG A 67 -0.14 6.01 -13.35
N ILE A 68 -0.94 6.12 -12.29
CA ILE A 68 -2.28 5.54 -12.30
C ILE A 68 -3.21 6.48 -13.08
N PRO A 69 -3.92 6.00 -14.09
CA PRO A 69 -4.71 6.90 -14.96
C PRO A 69 -5.62 7.80 -14.15
N HIS A 70 -5.61 9.09 -14.50
CA HIS A 70 -6.48 10.14 -13.99
C HIS A 70 -6.17 10.62 -12.57
N PHE A 71 -5.26 9.95 -11.85
CA PHE A 71 -4.91 10.43 -10.52
C PHE A 71 -4.34 11.83 -10.57
N SER A 72 -3.46 12.11 -11.55
CA SER A 72 -2.82 13.42 -11.62
C SER A 72 -3.78 14.52 -12.06
N GLU A 73 -4.94 14.16 -12.57
CA GLU A 73 -5.96 15.14 -12.97
C GLU A 73 -6.87 15.52 -11.82
N LEU A 74 -6.80 14.82 -10.68
CA LEU A 74 -7.52 15.26 -9.50
C LEU A 74 -6.92 16.57 -8.98
N PRO A 75 -7.69 17.38 -8.25
CA PRO A 75 -7.12 18.57 -7.63
C PRO A 75 -5.94 18.19 -6.74
N LEU A 76 -4.91 19.04 -6.73
CA LEU A 76 -3.70 18.72 -6.00
C LEU A 76 -3.99 18.37 -4.54
N ASP A 77 -4.91 19.10 -3.90
CA ASP A 77 -5.18 18.83 -2.49
C ASP A 77 -5.85 17.48 -2.29
N ASP A 78 -6.61 17.00 -3.28
CA ASP A 78 -7.20 15.66 -3.18
C ASP A 78 -6.15 14.58 -3.40
N GLN A 79 -5.18 14.83 -4.29
CA GLN A 79 -4.05 13.90 -4.43
C GLN A 79 -3.34 13.73 -3.09
N VAL A 80 -3.12 14.84 -2.38
CA VAL A 80 -2.48 14.80 -1.07
C VAL A 80 -3.32 13.97 -0.10
N ILE A 81 -4.62 14.25 -0.06
CA ILE A 81 -5.51 13.52 0.85
C ILE A 81 -5.45 12.01 0.57
N LEU A 82 -5.53 11.62 -0.71
CA LEU A 82 -5.63 10.19 -1.01
C LEU A 82 -4.34 9.46 -0.64
N LEU A 83 -3.19 10.10 -0.86
CA LEU A 83 -1.91 9.46 -0.52
C LEU A 83 -1.67 9.46 0.97
N ARG A 84 -2.03 10.55 1.66
CA ARG A 84 -1.92 10.55 3.12
C ARG A 84 -2.85 9.50 3.73
N ALA A 85 -4.03 9.29 3.14
CA ALA A 85 -4.94 8.31 3.71
C ALA A 85 -4.53 6.88 3.38
N GLY A 86 -3.87 6.67 2.25
CA GLY A 86 -3.64 5.30 1.81
C GLY A 86 -2.21 4.79 1.89
N TRP A 87 -1.24 5.65 2.24
CA TRP A 87 0.16 5.25 2.08
C TRP A 87 0.48 3.94 2.79
N ASN A 88 -0.03 3.75 4.02
CA ASN A 88 0.42 2.58 4.77
C ASN A 88 -0.15 1.30 4.18
N GLU A 89 -1.44 1.30 3.82
CA GLU A 89 -1.98 0.13 3.13
C GLU A 89 -1.31 -0.09 1.77
N LEU A 90 -1.04 0.98 1.03
CA LEU A 90 -0.41 0.83 -0.29
C LEU A 90 0.99 0.21 -0.17
N LEU A 91 1.77 0.64 0.83
CA LEU A 91 3.10 0.07 0.99
C LEU A 91 3.04 -1.36 1.49
N ILE A 92 2.11 -1.64 2.40
CA ILE A 92 1.98 -3.01 2.93
C ILE A 92 1.64 -3.97 1.80
N ALA A 93 0.70 -3.58 0.93
CA ALA A 93 0.35 -4.46 -0.18
C ALA A 93 1.56 -4.74 -1.04
N SER A 94 2.39 -3.72 -1.28
CA SER A 94 3.52 -3.89 -2.18
C SER A 94 4.57 -4.83 -1.59
N PHE A 95 4.98 -4.61 -0.33
CA PHE A 95 6.03 -5.50 0.17
C PHE A 95 5.49 -6.89 0.47
N SER A 96 4.19 -7.01 0.75
CA SER A 96 3.62 -8.35 0.93
C SER A 96 3.69 -9.12 -0.38
N HIS A 97 3.30 -8.50 -1.50
CA HIS A 97 3.35 -9.21 -2.78
C HIS A 97 4.80 -9.47 -3.19
N ARG A 98 5.70 -8.55 -2.87
CA ARG A 98 7.11 -8.79 -3.16
C ARG A 98 7.63 -10.03 -2.44
N SER A 99 7.05 -10.38 -1.30
CA SER A 99 7.56 -11.43 -0.42
C SER A 99 6.93 -12.79 -0.65
N ILE A 100 6.12 -12.97 -1.69
CA ILE A 100 5.37 -14.22 -1.81
C ILE A 100 6.28 -15.43 -1.99
N ALA A 101 7.51 -15.25 -2.47
CA ALA A 101 8.41 -16.39 -2.59
C ALA A 101 9.37 -16.52 -1.42
N VAL A 102 9.33 -15.60 -0.46
CA VAL A 102 10.13 -15.66 0.76
C VAL A 102 9.41 -16.55 1.78
N LYS A 103 10.19 -17.37 2.49
CA LYS A 103 9.65 -18.22 3.54
C LYS A 103 9.79 -17.52 4.89
N ASP A 104 8.65 -17.33 5.57
CA ASP A 104 8.60 -16.77 6.92
C ASP A 104 9.36 -15.45 7.03
N GLY A 105 9.10 -14.55 6.10
CA GLY A 105 9.79 -13.28 6.13
C GLY A 105 9.26 -12.34 5.06
N ILE A 106 9.80 -11.13 5.07
CA ILE A 106 9.44 -10.12 4.01
C ILE A 106 10.72 -9.52 3.41
N LEU A 107 10.65 -9.11 2.16
CA LEU A 107 11.74 -8.43 1.44
C LEU A 107 11.47 -6.94 1.47
N LEU A 108 12.39 -6.19 2.06
CA LEU A 108 12.25 -4.74 2.10
C LEU A 108 12.71 -4.18 0.75
N ALA A 109 12.29 -2.97 0.46
CA ALA A 109 12.69 -2.33 -0.80
C ALA A 109 14.17 -1.97 -0.83
N THR A 110 14.82 -1.97 0.32
CA THR A 110 16.25 -1.70 0.45
C THR A 110 17.12 -2.93 0.17
N GLY A 111 16.51 -4.06 -0.20
CA GLY A 111 17.25 -5.29 -0.40
C GLY A 111 17.50 -6.11 0.84
N LEU A 112 17.00 -5.68 2.00
CA LEU A 112 17.14 -6.42 3.24
C LEU A 112 15.93 -7.34 3.45
N HIS A 113 16.19 -8.48 4.07
CA HIS A 113 15.15 -9.44 4.44
C HIS A 113 14.90 -9.30 5.94
N VAL A 114 13.63 -9.33 6.34
CA VAL A 114 13.26 -9.38 7.75
C VAL A 114 12.57 -10.73 7.97
N HIS A 115 13.22 -11.59 8.75
CA HIS A 115 12.68 -12.89 9.11
C HIS A 115 11.67 -12.74 10.24
N ARG A 116 10.68 -13.64 10.28
CA ARG A 116 9.69 -13.51 11.36
C ARG A 116 10.33 -13.66 12.75
N ASN A 117 11.41 -14.45 12.88
CA ASN A 117 12.10 -14.53 14.18
C ASN A 117 12.69 -13.17 14.56
N SER A 118 13.22 -12.44 13.57
CA SER A 118 13.80 -11.12 13.84
CA SER A 118 13.80 -11.12 13.84
C SER A 118 12.71 -10.14 14.26
N ALA A 119 11.57 -10.15 13.57
CA ALA A 119 10.46 -9.29 13.96
C ALA A 119 10.02 -9.61 15.38
N HIS A 120 9.90 -10.90 15.68
CA HIS A 120 9.53 -11.32 17.01
C HIS A 120 10.54 -10.83 18.04
N SER A 121 11.84 -10.94 17.74
CA SER A 121 12.90 -10.51 18.65
CA SER A 121 12.85 -10.51 18.69
C SER A 121 12.92 -9.00 18.87
N ALA A 122 12.21 -8.24 18.04
CA ALA A 122 12.14 -6.80 18.14
C ALA A 122 10.85 -6.33 18.80
N GLY A 123 10.00 -7.25 19.26
CA GLY A 123 8.76 -6.86 19.90
C GLY A 123 7.60 -6.57 18.98
N VAL A 124 7.67 -6.93 17.70
CA VAL A 124 6.56 -6.64 16.78
C VAL A 124 6.11 -7.93 16.09
N GLY A 125 6.24 -9.06 16.80
CA GLY A 125 5.97 -10.34 16.18
C GLY A 125 4.51 -10.54 15.80
N ALA A 126 3.58 -10.12 16.67
CA ALA A 126 2.16 -10.40 16.41
C ALA A 126 1.70 -9.75 15.11
N ILE A 127 1.98 -8.45 14.93
CA ILE A 127 1.52 -7.78 13.70
C ILE A 127 2.29 -8.29 12.50
N PHE A 128 3.58 -8.62 12.66
CA PHE A 128 4.33 -9.22 11.56
C PHE A 128 3.68 -10.54 11.13
N ASP A 129 3.28 -11.38 12.08
CA ASP A 129 2.64 -12.63 11.73
C ASP A 129 1.30 -12.41 11.02
N ARG A 130 0.57 -11.34 11.36
CA ARG A 130 -0.66 -11.05 10.66
C ARG A 130 -0.40 -10.77 9.18
N VAL A 131 0.66 -10.03 8.88
CA VAL A 131 1.02 -9.77 7.49
C VAL A 131 1.34 -11.08 6.76
N LEU A 132 2.15 -11.94 7.40
CA LEU A 132 2.51 -13.21 6.77
C LEU A 132 1.28 -14.07 6.52
N THR A 133 0.37 -14.11 7.48
CA THR A 133 -0.74 -15.06 7.45
C THR A 133 -1.91 -14.53 6.62
N GLU A 134 -2.32 -13.29 6.87
CA GLU A 134 -3.50 -12.72 6.22
C GLU A 134 -3.19 -12.13 4.85
N LEU A 135 -1.93 -11.76 4.57
CA LEU A 135 -1.61 -11.15 3.28
C LEU A 135 -0.64 -12.00 2.47
N VAL A 136 0.61 -12.18 2.91
CA VAL A 136 1.62 -12.81 2.06
C VAL A 136 1.18 -14.22 1.65
N SER A 137 1.03 -15.03 2.69
CA SER A 137 0.52 -16.45 2.33
CA SER A 137 0.51 -16.45 2.33
C SER A 137 -0.75 -16.57 1.38
N LYS A 138 -1.71 -15.66 1.53
CA LYS A 138 -2.96 -15.66 0.77
C LYS A 138 -2.64 -15.23 -0.68
N MET A 139 -1.75 -14.27 -0.82
CA MET A 139 -1.30 -13.80 -2.15
C MET A 139 -0.55 -14.96 -2.82
N ARG A 140 0.28 -15.64 -2.05
CA ARG A 140 0.99 -16.79 -2.59
C ARG A 140 0.03 -17.91 -2.96
N ASP A 141 -0.93 -18.20 -2.07
CA ASP A 141 -1.81 -19.35 -2.29
C ASP A 141 -2.62 -19.18 -3.56
N MET A 142 -3.10 -17.97 -3.85
CA MET A 142 -3.90 -17.75 -5.05
C MET A 142 -3.05 -17.25 -6.22
N GLN A 143 -1.73 -17.15 -6.06
CA GLN A 143 -0.84 -16.62 -7.10
C GLN A 143 -1.36 -15.29 -7.64
N MET A 144 -1.71 -14.39 -6.72
CA MET A 144 -2.08 -13.04 -7.14
C MET A 144 -1.02 -12.48 -8.07
N ASP A 145 -1.44 -11.94 -9.23
CA ASP A 145 -0.44 -11.43 -10.15
C ASP A 145 -0.27 -9.92 -10.01
N LYS A 146 0.68 -9.36 -10.77
CA LYS A 146 1.01 -7.96 -10.59
C LYS A 146 -0.08 -7.02 -11.14
N THR A 147 -0.83 -7.46 -12.14
CA THR A 147 -1.99 -6.68 -12.58
C THR A 147 -3.03 -6.61 -11.47
N GLU A 148 -3.31 -7.75 -10.84
CA GLU A 148 -4.27 -7.77 -9.73
C GLU A 148 -3.77 -6.95 -8.55
N LEU A 149 -2.49 -7.08 -8.23
CA LEU A 149 -1.91 -6.26 -7.17
C LEU A 149 -2.09 -4.79 -7.48
N GLY A 150 -1.71 -4.39 -8.69
CA GLY A 150 -1.82 -2.99 -9.07
C GLY A 150 -3.24 -2.47 -9.00
N CYS A 151 -4.20 -3.27 -9.45
CA CYS A 151 -5.60 -2.87 -9.39
C CYS A 151 -6.09 -2.74 -7.95
N LEU A 152 -5.70 -3.67 -7.07
CA LEU A 152 -6.11 -3.55 -5.67
C LEU A 152 -5.51 -2.30 -5.05
N ARG A 153 -4.25 -2.01 -5.35
CA ARG A 153 -3.65 -0.78 -4.84
C ARG A 153 -4.34 0.45 -5.39
N ALA A 154 -4.70 0.45 -6.68
CA ALA A 154 -5.41 1.61 -7.23
C ALA A 154 -6.78 1.78 -6.58
N ILE A 155 -7.45 0.68 -6.22
CA ILE A 155 -8.70 0.79 -5.49
C ILE A 155 -8.47 1.43 -4.13
N VAL A 156 -7.43 0.99 -3.43
CA VAL A 156 -7.09 1.58 -2.14
C VAL A 156 -6.76 3.05 -2.30
N LEU A 157 -6.00 3.40 -3.34
CA LEU A 157 -5.65 4.79 -3.60
C LEU A 157 -6.89 5.64 -3.79
N PHE A 158 -7.81 5.20 -4.65
CA PHE A 158 -9.06 5.93 -4.92
C PHE A 158 -10.08 5.63 -3.83
N ASN A 159 -9.76 6.09 -2.61
CA ASN A 159 -10.64 5.86 -1.47
C ASN A 159 -11.60 7.02 -1.31
N PRO A 160 -12.89 6.87 -1.68
CA PRO A 160 -13.82 8.00 -1.63
C PRO A 160 -14.29 8.36 -0.23
N ASP A 161 -13.95 7.55 0.78
CA ASP A 161 -14.28 7.90 2.15
C ASP A 161 -13.22 8.78 2.82
N SER A 162 -12.11 9.05 2.14
CA SER A 162 -11.05 9.90 2.70
C SER A 162 -11.65 11.27 3.06
N LYS A 163 -11.42 11.70 4.31
CA LYS A 163 -12.01 12.96 4.76
C LYS A 163 -11.38 14.16 4.06
N GLY A 164 -12.21 15.13 3.69
CA GLY A 164 -11.74 16.38 3.13
C GLY A 164 -11.70 16.45 1.62
N LEU A 165 -12.00 15.36 0.90
CA LEU A 165 -11.96 15.39 -0.56
C LEU A 165 -12.89 16.47 -1.11
N SER A 166 -12.41 17.20 -2.12
CA SER A 166 -13.25 18.24 -2.71
C SER A 166 -14.41 17.63 -3.52
N ASN A 167 -14.22 16.45 -4.10
CA ASN A 167 -15.27 15.79 -4.88
C ASN A 167 -15.21 14.30 -4.66
N PRO A 168 -15.83 13.81 -3.57
CA PRO A 168 -15.79 12.35 -3.30
C PRO A 168 -16.37 11.51 -4.44
N ALA A 169 -17.46 11.97 -5.07
CA ALA A 169 -18.07 11.17 -6.12
C ALA A 169 -17.11 10.92 -7.28
N GLU A 170 -16.25 11.90 -7.56
CA GLU A 170 -15.23 11.74 -8.60
C GLU A 170 -14.27 10.61 -8.26
N VAL A 171 -13.83 10.55 -7.00
CA VAL A 171 -12.92 9.49 -6.58
C VAL A 171 -13.65 8.15 -6.58
N GLU A 172 -14.91 8.13 -6.15
CA GLU A 172 -15.68 6.90 -6.19
C GLU A 172 -15.83 6.39 -7.62
N ALA A 173 -16.06 7.31 -8.57
CA ALA A 173 -16.14 6.94 -9.98
C ALA A 173 -14.85 6.30 -10.46
N LEU A 174 -13.70 6.85 -10.07
CA LEU A 174 -12.43 6.25 -10.46
C LEU A 174 -12.26 4.86 -9.85
N ARG A 175 -12.61 4.70 -8.57
CA ARG A 175 -12.54 3.37 -7.96
C ARG A 175 -13.41 2.39 -8.72
N GLU A 176 -14.62 2.80 -9.12
CA GLU A 176 -15.51 1.91 -9.85
C GLU A 176 -14.92 1.52 -11.21
N LYS A 177 -14.22 2.45 -11.87
CA LYS A 177 -13.58 2.09 -13.14
C LYS A 177 -12.46 1.08 -12.91
N VAL A 178 -11.72 1.21 -11.81
CA VAL A 178 -10.66 0.24 -11.53
C VAL A 178 -11.25 -1.14 -11.29
N TYR A 179 -12.29 -1.24 -10.49
CA TYR A 179 -12.82 -2.55 -10.20
C TYR A 179 -13.52 -3.21 -11.37
N ALA A 180 -14.17 -2.38 -12.17
CA ALA A 180 -14.74 -2.93 -13.39
C ALA A 180 -13.64 -3.53 -14.27
N SER A 181 -12.54 -2.80 -14.45
CA SER A 181 -11.42 -3.30 -15.24
C SER A 181 -10.79 -4.54 -14.62
N LEU A 182 -10.67 -4.55 -13.29
CA LEU A 182 -10.09 -5.71 -12.63
C LEU A 182 -10.94 -6.97 -12.83
N GLU A 183 -12.25 -6.84 -12.66
CA GLU A 183 -13.12 -8.00 -12.85
C GLU A 183 -13.02 -8.55 -14.26
N ALA A 184 -13.10 -7.66 -15.27
CA ALA A 184 -12.95 -8.10 -16.65
C ALA A 184 -11.62 -8.81 -16.87
N TYR A 185 -10.55 -8.29 -16.29
CA TYR A 185 -9.24 -8.96 -16.40
C TYR A 185 -9.28 -10.34 -15.76
N CYS A 186 -9.82 -10.44 -14.54
CA CYS A 186 -9.89 -11.73 -13.86
C CYS A 186 -10.72 -12.73 -14.65
N LYS A 187 -11.84 -12.28 -15.22
CA LYS A 187 -12.73 -13.20 -15.92
C LYS A 187 -12.11 -13.67 -17.21
N HIS A 188 -11.24 -12.89 -17.80
CA HIS A 188 -10.59 -13.25 -19.07
C HIS A 188 -9.36 -14.12 -18.86
N LYS A 189 -8.58 -13.81 -17.84
CA LYS A 189 -7.32 -14.53 -17.59
C LYS A 189 -7.55 -15.79 -16.76
N TYR A 190 -8.53 -15.77 -15.87
CA TYR A 190 -8.77 -16.89 -14.96
C TYR A 190 -10.24 -17.26 -15.04
N PRO A 191 -10.75 -17.66 -16.23
CA PRO A 191 -12.18 -17.98 -16.34
C PRO A 191 -12.58 -19.18 -15.52
N GLU A 192 -11.64 -20.06 -15.20
CA GLU A 192 -11.91 -21.23 -14.39
C GLU A 192 -12.09 -20.91 -12.91
N GLN A 193 -11.88 -19.66 -12.50
CA GLN A 193 -11.97 -19.24 -11.11
C GLN A 193 -13.01 -18.13 -10.98
N PRO A 194 -14.30 -18.46 -11.03
CA PRO A 194 -15.33 -17.41 -10.94
C PRO A 194 -15.28 -16.57 -9.67
N GLY A 195 -14.81 -17.12 -8.54
CA GLY A 195 -14.78 -16.34 -7.33
C GLY A 195 -13.53 -15.51 -7.12
N ARG A 196 -12.67 -15.40 -8.13
CA ARG A 196 -11.35 -14.82 -7.90
C ARG A 196 -11.43 -13.31 -7.66
N PHE A 197 -12.27 -12.61 -8.44
CA PHE A 197 -12.42 -11.17 -8.26
C PHE A 197 -12.86 -10.84 -6.84
N ALA A 198 -13.87 -11.54 -6.34
CA ALA A 198 -14.35 -11.38 -4.95
C ALA A 198 -13.23 -11.70 -3.94
N LYS A 199 -12.48 -12.76 -4.21
CA LYS A 199 -11.40 -13.17 -3.29
C LYS A 199 -10.36 -12.04 -3.17
N LEU A 200 -10.03 -11.37 -4.27
CA LEU A 200 -9.07 -10.25 -4.22
C LEU A 200 -9.64 -9.12 -3.37
N LEU A 201 -10.89 -8.75 -3.65
CA LEU A 201 -11.47 -7.64 -2.90
C LEU A 201 -11.54 -7.94 -1.41
N LEU A 202 -11.69 -9.22 -1.06
CA LEU A 202 -11.92 -9.58 0.32
C LEU A 202 -10.62 -9.73 1.12
N ARG A 203 -9.49 -9.38 0.55
CA ARG A 203 -8.28 -9.12 1.34
C ARG A 203 -8.20 -7.68 1.82
N LEU A 204 -9.07 -6.79 1.35
CA LEU A 204 -8.97 -5.37 1.73
C LEU A 204 -9.38 -5.08 3.17
N PRO A 205 -10.36 -5.78 3.77
CA PRO A 205 -10.57 -5.60 5.22
C PRO A 205 -9.36 -5.97 6.06
N ALA A 206 -8.70 -7.11 5.76
CA ALA A 206 -7.45 -7.43 6.47
C ALA A 206 -6.39 -6.34 6.26
N LEU A 207 -6.22 -5.89 5.03
CA LEU A 207 -5.25 -4.84 4.74
C LEU A 207 -5.54 -3.59 5.55
N ARG A 208 -6.81 -3.23 5.69
CA ARG A 208 -7.17 -2.04 6.45
C ARG A 208 -6.86 -2.21 7.94
N SER A 209 -7.20 -3.37 8.52
CA SER A 209 -6.90 -3.63 9.93
CA SER A 209 -6.90 -3.63 9.93
C SER A 209 -5.40 -3.60 10.18
N ILE A 210 -4.63 -4.25 9.31
CA ILE A 210 -3.19 -4.34 9.51
C ILE A 210 -2.57 -2.97 9.36
N GLY A 211 -3.03 -2.21 8.36
CA GLY A 211 -2.55 -0.84 8.19
C GLY A 211 -2.79 0.01 9.41
N LEU A 212 -3.98 -0.12 10.01
CA LEU A 212 -4.29 0.67 11.21
C LEU A 212 -3.37 0.30 12.36
N LYS A 213 -3.10 -0.99 12.52
CA LYS A 213 -2.23 -1.43 13.60
C LYS A 213 -0.80 -0.95 13.38
N CYS A 214 -0.32 -0.97 12.12
CA CYS A 214 1.03 -0.49 11.84
C CYS A 214 1.16 0.99 12.18
N LEU A 215 0.12 1.77 11.90
CA LEU A 215 0.16 3.19 12.24
C LEU A 215 0.22 3.40 13.74
N GLU A 216 -0.56 2.62 14.50
CA GLU A 216 -0.49 2.67 15.95
C GLU A 216 0.93 2.45 16.43
N HIS A 217 1.62 1.43 15.87
CA HIS A 217 2.99 1.18 16.25
C HIS A 217 3.88 2.38 15.92
N LEU A 218 3.70 2.97 14.74
CA LEU A 218 4.55 4.07 14.31
C LEU A 218 4.38 5.27 15.24
N PHE A 219 3.14 5.57 15.67
CA PHE A 219 2.97 6.67 16.61
C PHE A 219 3.67 6.35 17.92
N PHE A 220 3.71 5.08 18.32
CA PHE A 220 4.42 4.72 19.55
C PHE A 220 5.93 4.89 19.37
N PHE A 221 6.48 4.40 18.24
CA PHE A 221 7.91 4.57 17.96
C PHE A 221 8.31 6.04 18.10
N LYS A 222 7.51 6.95 17.53
CA LYS A 222 7.82 8.37 17.64
C LYS A 222 7.70 8.85 19.08
N LEU A 223 6.67 8.40 19.80
CA LEU A 223 6.48 8.83 21.18
C LEU A 223 7.68 8.46 22.05
N ILE A 224 8.12 7.20 21.97
CA ILE A 224 9.23 6.74 22.80
C ILE A 224 10.56 7.34 22.34
N GLY A 225 10.69 7.60 21.04
CA GLY A 225 11.85 8.30 20.52
C GLY A 225 13.09 7.46 20.35
N ASP A 226 12.97 6.13 20.39
CA ASP A 226 14.15 5.27 20.30
C ASP A 226 14.32 4.67 18.91
N THR A 227 13.63 5.23 17.92
CA THR A 227 13.63 4.70 16.56
C THR A 227 13.69 5.87 15.59
N PRO A 228 14.77 6.03 14.83
CA PRO A 228 14.84 7.14 13.87
C PRO A 228 13.70 7.06 12.86
N ILE A 229 13.09 8.21 12.60
CA ILE A 229 12.00 8.33 11.63
C ILE A 229 12.36 9.46 10.68
N ASP A 230 12.53 9.13 9.38
CA ASP A 230 12.99 10.09 8.39
C ASP A 230 11.87 11.09 8.02
N THR A 231 12.22 12.07 7.18
CA THR A 231 11.36 13.25 7.06
C THR A 231 10.01 12.97 6.41
N PHE A 232 9.99 12.10 5.39
CA PHE A 232 8.73 11.87 4.69
C PHE A 232 7.79 11.03 5.55
N LEU A 233 8.34 9.98 6.16
CA LEU A 233 7.56 9.20 7.12
C LEU A 233 7.06 10.10 8.25
N MET A 234 7.92 10.99 8.76
CA MET A 234 7.51 11.89 9.83
C MET A 234 6.39 12.81 9.37
N GLU A 235 6.46 13.29 8.13
CA GLU A 235 5.40 14.15 7.62
C GLU A 235 4.05 13.44 7.56
N MET A 236 4.05 12.14 7.28
CA MET A 236 2.81 11.39 7.29
C MET A 236 2.17 11.36 8.68
N LEU A 237 2.95 11.57 9.74
CA LEU A 237 2.44 11.63 11.11
C LEU A 237 1.91 13.01 11.51
N GLU A 238 2.05 13.99 10.64
CA GLU A 238 1.48 15.33 10.93
C GLU A 238 -0.05 15.23 10.90
N ALA A 239 -0.73 16.14 11.58
CA ALA A 239 -2.21 16.20 11.53
C ALA A 239 -2.66 16.66 10.14
N PRO A 240 -3.83 16.25 9.64
CA PRO A 240 -4.74 15.38 10.39
C PRO A 240 -4.43 13.88 10.44
N HIS A 241 -4.98 13.23 11.45
CA HIS A 241 -4.79 11.78 11.67
C HIS A 241 -6.14 11.06 11.51
N GLN A 242 -6.16 9.74 11.75
CA GLN A 242 -7.36 8.92 11.70
C GLN A 242 -8.22 9.16 10.46
N LYS B 1 1.68 21.80 6.53
CA LYS B 1 0.83 21.78 5.34
C LYS B 1 1.33 20.74 4.35
N HIS B 2 1.99 19.69 4.86
CA HIS B 2 2.42 18.56 4.06
C HIS B 2 3.39 19.02 2.96
N LYS B 3 4.53 19.55 3.41
CA LYS B 3 5.47 20.24 2.51
C LYS B 3 6.10 19.30 1.48
N ILE B 4 6.59 18.14 1.91
CA ILE B 4 7.30 17.24 0.99
C ILE B 4 6.34 16.65 -0.03
N LEU B 5 5.17 16.17 0.43
CA LEU B 5 4.21 15.56 -0.48
C LEU B 5 3.77 16.54 -1.57
N HIS B 6 3.46 17.79 -1.20
CA HIS B 6 3.06 18.78 -2.20
C HIS B 6 4.14 18.98 -3.24
N ARG B 7 5.39 19.16 -2.80
CA ARG B 7 6.49 19.42 -3.73
C ARG B 7 6.67 18.26 -4.70
N LEU B 8 6.52 17.03 -4.22
CA LEU B 8 6.72 15.87 -5.09
C LEU B 8 5.56 15.69 -6.05
N LEU B 9 4.35 16.05 -5.64
CA LEU B 9 3.18 15.90 -6.51
C LEU B 9 3.17 16.93 -7.62
N GLN B 10 3.56 18.17 -7.31
CA GLN B 10 3.39 19.26 -8.26
C GLN B 10 4.38 19.15 -9.42
N ASP B 11 5.56 18.57 -9.17
CA ASP B 11 6.60 18.54 -10.19
C ASP B 11 6.22 17.57 -11.33
N SER B 12 6.86 17.80 -12.48
CA SER B 12 6.74 16.94 -13.67
C SER B 12 6.75 15.45 -13.34
C1 754 C . 5.42 -2.87 9.47
O1 754 C . 4.62 1.22 9.56
C2 754 C . 5.51 -2.16 10.70
O2 754 C . 8.83 -1.77 0.43
C3 754 C . 5.10 -2.15 8.31
O3 754 C . 10.25 -2.13 2.07
C4 754 C . 5.66 -4.37 9.35
C5 754 C . 5.25 -0.80 10.72
C6 754 C . 5.88 -2.85 12.02
C7 754 C . 4.90 -0.12 9.58
C8 754 C . 4.81 -0.78 8.35
C9 754 C . 6.31 -4.92 10.64
C10 754 C . 5.68 -4.36 11.91
C11 754 C . 4.32 -0.05 7.12
C12 754 C . 6.78 2.08 10.23
C13 754 C . 6.61 -4.67 8.19
C14 754 C . 4.32 -5.09 9.09
C15 754 C . 7.33 -2.50 12.42
C16 754 C . 4.97 -2.33 13.15
C17 754 C . 5.04 0.03 5.97
C18 754 C . 2.96 0.59 7.23
C19 754 C . 6.31 -0.57 5.62
C20 754 C . 6.85 -0.40 4.39
C21 754 C . 8.07 -0.95 3.87
C22 754 C . 8.15 -1.07 2.53
C23 754 C . 9.06 -1.54 4.85
C24 754 C . 9.17 -1.73 1.67
C25 754 C . 5.29 2.07 10.51
C26 754 C . 7.14 2.38 8.80
C ACT D . 8.52 -3.85 -5.81
O ACT D . 8.78 -4.89 -5.28
OXT ACT D . 8.90 -2.74 -5.42
CH3 ACT D . 7.74 -3.92 -7.08
#